data_6G8J
#
_entry.id   6G8J
#
_cell.length_a   82.149
_cell.length_b   112.019
_cell.length_c   62.680
_cell.angle_alpha   90.000
_cell.angle_beta   90.000
_cell.angle_gamma   90.000
#
_symmetry.space_group_name_H-M   'C 2 2 21'
#
loop_
_entity.id
_entity.type
_entity.pdbx_description
1 polymer '14-3-3 protein sigma'
2 polymer ACE-ARG-ALA-HIS-SEP-SER-PRO-BAL-SER-LEU-GLN
3 non-polymer 'CHLORIDE ION'
4 non-polymer 'MAGNESIUM ION'
5 non-polymer 'SODIUM ION'
6 water water
#
loop_
_entity_poly.entity_id
_entity_poly.type
_entity_poly.pdbx_seq_one_letter_code
_entity_poly.pdbx_strand_id
1 'polypeptide(L)'
;GAMGSMERASLIQKAKLAEQAERYEDMAAFMKGAVEKGEELSCEERNLLSVAYKNVVGGQRAAWRVLSSIEQKSNEEGSE
EKGPEVREYREKVETELQGVCDTVLGLLDSHLIKEAGDAESRVFYLKMKGDYYRYLAEVATGDDKKRIIDSARSAYQEAM
DISKKEMPPTNPIRLGLALNFSVFHYEIANSPEEAISLAKTTFDEAMADLHTLSEDSYKDSTLIMQLLRDNLTLWT
;
A
2 'polypeptide(L)' (ACE)RAH(SEP)SP(B3A)SLQ P
#
# COMPACT_ATOMS: atom_id res chain seq x y z
N GLY A 1 -5.92 -15.30 -19.80
CA GLY A 1 -5.71 -13.84 -19.63
C GLY A 1 -5.43 -13.18 -20.97
N ALA A 2 -5.94 -11.95 -21.14
CA ALA A 2 -5.77 -11.24 -22.40
C ALA A 2 -4.32 -10.91 -22.70
N MET A 3 -3.44 -10.97 -21.70
CA MET A 3 -2.02 -10.72 -21.91
C MET A 3 -1.22 -11.99 -22.12
N GLY A 4 -1.87 -13.16 -22.16
CA GLY A 4 -1.15 -14.41 -22.26
C GLY A 4 -0.33 -14.56 -23.52
N SER A 5 -0.71 -13.87 -24.60
CA SER A 5 -0.01 -13.98 -25.85
C SER A 5 1.14 -13.00 -26.00
N MET A 6 1.32 -12.07 -25.06
CA MET A 6 2.36 -11.06 -25.18
C MET A 6 3.61 -11.47 -24.41
N GLU A 7 4.78 -11.22 -25.02
CA GLU A 7 6.05 -11.50 -24.37
C GLU A 7 6.15 -10.77 -23.03
N ARG A 8 6.80 -11.41 -22.07
CA ARG A 8 7.05 -10.78 -20.78
C ARG A 8 7.76 -9.43 -20.95
N ALA A 9 8.81 -9.39 -21.77
CA ALA A 9 9.56 -8.14 -21.92
C ALA A 9 8.72 -7.05 -22.56
N SER A 10 7.84 -7.44 -23.49
CA SER A 10 6.96 -6.47 -24.13
C SER A 10 5.95 -5.91 -23.13
N LEU A 11 5.46 -6.76 -22.23
CA LEU A 11 4.55 -6.28 -21.19
C LEU A 11 5.24 -5.27 -20.28
N ILE A 12 6.48 -5.54 -19.89
CA ILE A 12 7.22 -4.60 -19.05
CA ILE A 12 7.19 -4.60 -19.05
C ILE A 12 7.46 -3.30 -19.81
N GLN A 13 7.84 -3.40 -21.08
N GLN A 13 7.85 -3.40 -21.08
CA GLN A 13 8.05 -2.20 -21.89
CA GLN A 13 8.05 -2.21 -21.89
C GLN A 13 6.78 -1.37 -21.97
C GLN A 13 6.79 -1.36 -21.97
N LYS A 14 5.64 -2.02 -22.20
CA LYS A 14 4.38 -1.29 -22.31
C LYS A 14 3.91 -0.75 -20.97
N ALA A 15 4.21 -1.44 -19.86
CA ALA A 15 3.92 -0.86 -18.55
C ALA A 15 4.62 0.48 -18.38
N LYS A 16 5.89 0.55 -18.80
CA LYS A 16 6.64 1.79 -18.68
C LYS A 16 6.06 2.88 -19.59
N LEU A 17 5.62 2.51 -20.78
CA LEU A 17 4.97 3.47 -21.68
C LEU A 17 3.66 3.96 -21.06
N ALA A 18 2.87 3.03 -20.53
CA ALA A 18 1.60 3.41 -19.89
C ALA A 18 1.84 4.37 -18.74
N GLU A 19 2.89 4.14 -17.95
CA GLU A 19 3.22 5.07 -16.87
C GLU A 19 3.47 6.47 -17.42
N GLN A 20 4.27 6.56 -18.48
CA GLN A 20 4.57 7.86 -19.07
C GLN A 20 3.32 8.55 -19.57
N ALA A 21 2.36 7.78 -20.06
CA ALA A 21 1.10 8.31 -20.57
C ALA A 21 0.04 8.46 -19.49
N GLU A 22 0.38 8.13 -18.23
CA GLU A 22 -0.57 8.19 -17.12
CA GLU A 22 -0.57 8.19 -17.12
C GLU A 22 -1.81 7.33 -17.38
N ARG A 23 -1.59 6.17 -18.00
CA ARG A 23 -2.64 5.19 -18.28
C ARG A 23 -2.46 4.05 -17.29
N TYR A 24 -2.89 4.30 -16.05
CA TYR A 24 -2.53 3.39 -14.98
C TYR A 24 -3.33 2.09 -15.01
N GLU A 25 -4.58 2.12 -15.50
CA GLU A 25 -5.31 0.87 -15.68
CA GLU A 25 -5.31 0.87 -15.68
C GLU A 25 -4.60 -0.02 -16.67
N ASP A 26 -4.16 0.53 -17.80
CA ASP A 26 -3.35 -0.23 -18.76
C ASP A 26 -2.09 -0.76 -18.09
N MET A 27 -1.42 0.11 -17.34
CA MET A 27 -0.17 -0.28 -16.70
C MET A 27 -0.38 -1.47 -15.78
N ALA A 28 -1.46 -1.44 -15.00
CA ALA A 28 -1.76 -2.54 -14.09
C ALA A 28 -2.04 -3.83 -14.85
N ALA A 29 -2.80 -3.74 -15.95
CA ALA A 29 -3.08 -4.93 -16.74
C ALA A 29 -1.80 -5.52 -17.33
N PHE A 30 -0.90 -4.66 -17.81
CA PHE A 30 0.37 -5.13 -18.33
C PHE A 30 1.18 -5.83 -17.23
N MET A 31 1.26 -5.22 -16.05
CA MET A 31 2.05 -5.81 -14.98
C MET A 31 1.41 -7.09 -14.44
N LYS A 32 0.08 -7.14 -14.38
CA LYS A 32 -0.58 -8.41 -14.04
C LYS A 32 -0.20 -9.49 -15.02
N GLY A 33 -0.21 -9.16 -16.31
CA GLY A 33 0.21 -10.13 -17.31
C GLY A 33 1.64 -10.57 -17.11
N ALA A 34 2.53 -9.64 -16.75
CA ALA A 34 3.92 -9.99 -16.51
C ALA A 34 4.05 -10.94 -15.31
N VAL A 35 3.36 -10.63 -14.21
CA VAL A 35 3.39 -11.51 -13.05
C VAL A 35 2.93 -12.90 -13.43
N GLU A 36 1.87 -12.99 -14.23
CA GLU A 36 1.30 -14.28 -14.56
C GLU A 36 2.19 -15.12 -15.48
N LYS A 37 3.28 -14.55 -15.99
CA LYS A 37 4.26 -15.38 -16.70
C LYS A 37 4.93 -16.36 -15.77
N GLY A 38 4.90 -16.12 -14.45
CA GLY A 38 5.36 -17.09 -13.48
C GLY A 38 6.78 -16.89 -13.00
N GLU A 39 7.52 -15.97 -13.60
CA GLU A 39 8.88 -15.67 -13.15
C GLU A 39 8.85 -14.65 -12.03
N GLU A 40 9.86 -14.70 -11.17
CA GLU A 40 10.00 -13.69 -10.13
C GLU A 40 10.20 -12.31 -10.76
N LEU A 41 9.89 -11.27 -9.99
CA LEU A 41 10.02 -9.89 -10.45
C LEU A 41 11.31 -9.28 -9.90
N SER A 42 11.97 -8.51 -10.74
CA SER A 42 13.11 -7.72 -10.29
C SER A 42 12.64 -6.53 -9.45
N CYS A 43 13.60 -5.84 -8.84
N CYS A 43 13.60 -5.84 -8.84
CA CYS A 43 13.27 -4.66 -8.04
CA CYS A 43 13.26 -4.67 -8.03
C CYS A 43 12.51 -3.64 -8.86
C CYS A 43 12.51 -3.63 -8.86
N GLU A 44 13.00 -3.33 -10.06
CA GLU A 44 12.33 -2.35 -10.91
C GLU A 44 10.93 -2.81 -11.28
N GLU A 45 10.77 -4.10 -11.57
CA GLU A 45 9.47 -4.63 -11.95
C GLU A 45 8.50 -4.61 -10.77
N ARG A 46 8.98 -4.90 -9.57
CA ARG A 46 8.12 -4.78 -8.39
C ARG A 46 7.63 -3.35 -8.25
N ASN A 47 8.50 -2.37 -8.47
N ASN A 47 8.50 -2.37 -8.49
CA ASN A 47 8.08 -0.98 -8.39
CA ASN A 47 8.08 -0.98 -8.38
C ASN A 47 7.01 -0.67 -9.41
C ASN A 47 7.02 -0.64 -9.42
N LEU A 48 7.14 -1.18 -10.63
CA LEU A 48 6.14 -0.94 -11.66
C LEU A 48 4.79 -1.51 -11.24
N LEU A 49 4.80 -2.72 -10.69
CA LEU A 49 3.56 -3.33 -10.20
C LEU A 49 2.91 -2.45 -9.15
N SER A 50 3.72 -1.97 -8.19
CA SER A 50 3.20 -1.13 -7.11
C SER A 50 2.66 0.20 -7.63
N VAL A 51 3.42 0.87 -8.49
CA VAL A 51 2.97 2.14 -9.06
C VAL A 51 1.62 1.97 -9.74
N ALA A 52 1.49 0.92 -10.54
CA ALA A 52 0.28 0.76 -11.35
C ALA A 52 -0.94 0.60 -10.45
N TYR A 53 -0.90 -0.36 -9.53
CA TYR A 53 -2.06 -0.61 -8.69
C TYR A 53 -2.28 0.49 -7.67
N LYS A 54 -1.22 1.13 -7.18
CA LYS A 54 -1.39 2.29 -6.29
C LYS A 54 -2.23 3.37 -6.94
N ASN A 55 -1.95 3.67 -8.20
CA ASN A 55 -2.68 4.73 -8.89
C ASN A 55 -4.11 4.30 -9.21
N VAL A 56 -4.30 3.05 -9.63
CA VAL A 56 -5.66 2.58 -9.88
C VAL A 56 -6.49 2.65 -8.60
N VAL A 57 -6.02 2.00 -7.54
CA VAL A 57 -6.80 1.97 -6.30
CA VAL A 57 -6.80 1.96 -6.30
C VAL A 57 -6.88 3.35 -5.68
N GLY A 58 -5.87 4.19 -5.92
CA GLY A 58 -5.91 5.53 -5.37
C GLY A 58 -7.07 6.34 -5.91
N GLY A 59 -7.32 6.25 -7.21
CA GLY A 59 -8.48 6.92 -7.78
C GLY A 59 -9.77 6.36 -7.26
N GLN A 60 -9.83 5.04 -7.08
CA GLN A 60 -11.04 4.42 -6.55
C GLN A 60 -11.31 4.85 -5.11
N ARG A 61 -10.25 4.88 -4.29
CA ARG A 61 -10.40 5.31 -2.90
C ARG A 61 -10.86 6.76 -2.82
N ALA A 62 -10.29 7.63 -3.64
CA ALA A 62 -10.70 9.02 -3.62
C ALA A 62 -12.17 9.17 -4.01
N ALA A 63 -12.60 8.41 -5.03
CA ALA A 63 -13.99 8.47 -5.45
C ALA A 63 -14.91 7.92 -4.37
N TRP A 64 -14.52 6.79 -3.77
CA TRP A 64 -15.32 6.21 -2.69
C TRP A 64 -15.50 7.19 -1.55
N ARG A 65 -14.44 7.92 -1.19
CA ARG A 65 -14.54 8.87 -0.09
CA ARG A 65 -14.54 8.87 -0.09
C ARG A 65 -15.51 10.00 -0.42
N VAL A 66 -15.47 10.51 -1.65
CA VAL A 66 -16.42 11.53 -2.07
C VAL A 66 -17.85 11.01 -1.94
N LEU A 67 -18.10 9.81 -2.46
CA LEU A 67 -19.46 9.26 -2.46
C LEU A 67 -19.92 8.89 -1.05
N SER A 68 -19.01 8.34 -0.23
CA SER A 68 -19.37 8.02 1.14
CA SER A 68 -19.37 8.02 1.14
C SER A 68 -19.77 9.28 1.92
N SER A 69 -19.05 10.39 1.68
CA SER A 69 -19.39 11.63 2.36
CA SER A 69 -19.40 11.63 2.36
C SER A 69 -20.77 12.12 1.94
N ILE A 70 -21.07 12.04 0.64
CA ILE A 70 -22.40 12.44 0.17
C ILE A 70 -23.46 11.55 0.80
N GLU A 71 -23.18 10.25 0.87
CA GLU A 71 -24.15 9.30 1.43
C GLU A 71 -24.40 9.60 2.91
N GLN A 72 -23.33 9.89 3.66
CA GLN A 72 -23.50 10.19 5.08
C GLN A 72 -24.33 11.44 5.28
N LYS A 73 -24.09 12.48 4.46
CA LYS A 73 -24.91 13.68 4.57
C LYS A 73 -26.37 13.38 4.28
N SER A 74 -26.63 12.52 3.29
N SER A 74 -26.64 12.52 3.28
CA SER A 74 -28.01 12.17 2.94
CA SER A 74 -28.01 12.17 2.93
C SER A 74 -28.73 11.45 4.07
C SER A 74 -28.72 11.43 4.06
N ASN A 75 -28.00 10.94 5.06
CA ASN A 75 -28.58 10.21 6.18
C ASN A 75 -28.66 11.04 7.45
N GLU A 76 -28.44 12.35 7.36
CA GLU A 76 -28.58 13.24 8.50
C GLU A 76 -30.04 13.62 8.69
N GLU A 77 -30.34 14.27 9.81
CA GLU A 77 -31.67 14.77 10.08
C GLU A 77 -31.94 16.02 9.25
N GLY A 78 -33.14 16.09 8.66
CA GLY A 78 -33.49 17.18 7.79
C GLY A 78 -33.07 17.02 6.35
N SER A 79 -32.35 15.95 6.03
CA SER A 79 -31.92 15.71 4.66
C SER A 79 -33.05 15.14 3.84
N GLU A 80 -33.34 15.77 2.71
CA GLU A 80 -34.44 15.32 1.85
C GLU A 80 -34.05 14.00 1.19
N GLU A 81 -34.97 13.04 1.22
CA GLU A 81 -34.72 11.73 0.63
C GLU A 81 -34.53 11.86 -0.88
N LYS A 82 -33.49 11.20 -1.39
CA LYS A 82 -33.17 11.24 -2.80
C LYS A 82 -33.23 9.88 -3.48
N GLY A 83 -33.62 8.83 -2.77
CA GLY A 83 -33.71 7.51 -3.35
C GLY A 83 -32.46 6.69 -3.14
N PRO A 84 -32.38 5.55 -3.82
CA PRO A 84 -31.27 4.61 -3.60
C PRO A 84 -29.99 4.93 -4.36
N GLU A 85 -29.97 6.00 -5.16
CA GLU A 85 -28.92 6.15 -6.17
C GLU A 85 -27.56 6.39 -5.55
N VAL A 86 -27.47 7.20 -4.49
CA VAL A 86 -26.17 7.45 -3.87
C VAL A 86 -25.58 6.16 -3.32
N ARG A 87 -26.38 5.40 -2.57
CA ARG A 87 -25.91 4.11 -2.05
C ARG A 87 -25.52 3.19 -3.19
N GLU A 88 -26.37 3.08 -4.22
CA GLU A 88 -26.07 2.19 -5.33
C GLU A 88 -24.72 2.53 -5.96
N TYR A 89 -24.49 3.81 -6.22
CA TYR A 89 -23.27 4.17 -6.94
C TYR A 89 -22.04 4.04 -6.03
N ARG A 90 -22.18 4.38 -4.74
CA ARG A 90 -21.09 4.12 -3.81
C ARG A 90 -20.78 2.63 -3.75
N GLU A 91 -21.81 1.78 -3.73
CA GLU A 91 -21.59 0.34 -3.75
C GLU A 91 -20.92 -0.10 -5.04
N LYS A 92 -21.25 0.53 -6.16
CA LYS A 92 -20.61 0.17 -7.43
C LYS A 92 -19.11 0.44 -7.36
N VAL A 93 -18.73 1.65 -6.94
CA VAL A 93 -17.33 1.98 -6.84
C VAL A 93 -16.64 1.09 -5.80
N GLU A 94 -17.32 0.87 -4.67
CA GLU A 94 -16.77 0.00 -3.63
C GLU A 94 -16.48 -1.40 -4.16
N THR A 95 -17.41 -1.97 -4.93
CA THR A 95 -17.22 -3.32 -5.44
C THR A 95 -16.04 -3.36 -6.41
N GLU A 96 -15.89 -2.33 -7.25
CA GLU A 96 -14.76 -2.29 -8.16
CA GLU A 96 -14.76 -2.26 -8.17
C GLU A 96 -13.45 -2.16 -7.41
N LEU A 97 -13.43 -1.33 -6.36
CA LEU A 97 -12.25 -1.20 -5.51
CA LEU A 97 -12.25 -1.20 -5.52
C LEU A 97 -11.89 -2.53 -4.86
N GLN A 98 -12.88 -3.23 -4.32
CA GLN A 98 -12.64 -4.52 -3.71
C GLN A 98 -12.11 -5.50 -4.75
N GLY A 99 -12.61 -5.42 -5.98
CA GLY A 99 -12.11 -6.30 -7.03
C GLY A 99 -10.64 -6.07 -7.32
N VAL A 100 -10.21 -4.81 -7.35
CA VAL A 100 -8.80 -4.51 -7.58
C VAL A 100 -7.96 -5.03 -6.43
N CYS A 101 -8.40 -4.81 -5.19
CA CYS A 101 -7.65 -5.33 -4.05
C CYS A 101 -7.56 -6.85 -4.10
N ASP A 102 -8.66 -7.51 -4.42
CA ASP A 102 -8.64 -8.97 -4.52
C ASP A 102 -7.69 -9.44 -5.62
N THR A 103 -7.62 -8.69 -6.71
CA THR A 103 -6.70 -9.04 -7.80
C THR A 103 -5.26 -8.98 -7.32
N VAL A 104 -4.91 -7.88 -6.65
CA VAL A 104 -3.54 -7.74 -6.14
C VAL A 104 -3.23 -8.84 -5.15
N LEU A 105 -4.14 -9.06 -4.18
CA LEU A 105 -3.93 -10.10 -3.18
C LEU A 105 -3.80 -11.46 -3.84
N GLY A 106 -4.53 -11.68 -4.93
CA GLY A 106 -4.43 -12.95 -5.63
C GLY A 106 -3.08 -13.14 -6.29
N LEU A 107 -2.52 -12.08 -6.86
CA LEU A 107 -1.19 -12.17 -7.43
C LEU A 107 -0.16 -12.44 -6.36
N LEU A 108 -0.30 -11.81 -5.19
CA LEU A 108 0.63 -12.05 -4.10
C LEU A 108 0.55 -13.50 -3.62
N ASP A 109 -0.66 -14.06 -3.57
CA ASP A 109 -0.83 -15.41 -3.08
C ASP A 109 -0.53 -16.47 -4.14
N SER A 110 -0.51 -16.09 -5.42
CA SER A 110 -0.32 -17.04 -6.52
C SER A 110 0.58 -16.39 -7.58
N HIS A 111 1.90 -16.36 -7.36
CA HIS A 111 2.59 -17.00 -6.23
C HIS A 111 3.78 -16.14 -5.81
N LEU A 112 3.61 -14.82 -5.82
CA LEU A 112 4.75 -13.93 -5.61
C LEU A 112 5.37 -14.12 -4.23
N ILE A 113 4.53 -14.21 -3.19
CA ILE A 113 5.08 -14.28 -1.83
C ILE A 113 5.85 -15.58 -1.62
N LYS A 114 5.28 -16.71 -2.04
CA LYS A 114 5.91 -17.98 -1.71
C LYS A 114 7.25 -18.16 -2.41
N GLU A 115 7.46 -17.50 -3.56
N GLU A 115 7.46 -17.51 -3.56
CA GLU A 115 8.73 -17.61 -4.28
CA GLU A 115 8.73 -17.61 -4.28
C GLU A 115 9.69 -16.47 -3.97
C GLU A 115 9.75 -16.59 -3.80
N ALA A 116 9.34 -15.59 -3.03
CA ALA A 116 10.21 -14.49 -2.63
C ALA A 116 11.04 -14.92 -1.43
N GLY A 117 12.33 -15.12 -1.64
CA GLY A 117 13.22 -15.57 -0.57
C GLY A 117 14.09 -14.47 0.01
N ASP A 118 14.47 -13.50 -0.82
CA ASP A 118 15.30 -12.41 -0.34
C ASP A 118 14.47 -11.44 0.49
N ALA A 119 15.11 -10.84 1.49
CA ALA A 119 14.40 -9.94 2.38
C ALA A 119 13.72 -8.80 1.62
N GLU A 120 14.41 -8.25 0.62
N GLU A 120 14.42 -8.21 0.65
CA GLU A 120 13.89 -7.08 -0.09
CA GLU A 120 13.84 -7.07 -0.06
C GLU A 120 12.60 -7.42 -0.82
C GLU A 120 12.55 -7.45 -0.75
N SER A 121 12.54 -8.58 -1.46
CA SER A 121 11.33 -8.96 -2.17
CA SER A 121 11.35 -9.00 -2.18
C SER A 121 10.24 -9.42 -1.21
N ARG A 122 10.59 -10.25 -0.22
CA ARG A 122 9.57 -10.75 0.70
C ARG A 122 8.93 -9.61 1.49
N VAL A 123 9.73 -8.67 1.99
CA VAL A 123 9.18 -7.53 2.73
C VAL A 123 8.29 -6.69 1.82
N PHE A 124 8.74 -6.44 0.59
CA PHE A 124 7.94 -5.66 -0.36
CA PHE A 124 7.94 -5.65 -0.35
C PHE A 124 6.57 -6.28 -0.55
N TYR A 125 6.53 -7.59 -0.80
CA TYR A 125 5.24 -8.23 -1.07
C TYR A 125 4.36 -8.30 0.17
N LEU A 126 4.94 -8.58 1.34
CA LEU A 126 4.15 -8.61 2.55
C LEU A 126 3.60 -7.24 2.90
N LYS A 127 4.41 -6.19 2.68
CA LYS A 127 3.89 -4.82 2.83
C LYS A 127 2.72 -4.58 1.90
N MET A 128 2.84 -5.03 0.65
N MET A 128 2.85 -5.00 0.64
CA MET A 128 1.75 -4.86 -0.30
CA MET A 128 1.75 -4.87 -0.32
C MET A 128 0.51 -5.61 0.16
C MET A 128 0.51 -5.60 0.19
N LYS A 129 0.69 -6.80 0.73
CA LYS A 129 -0.45 -7.55 1.24
C LYS A 129 -1.14 -6.77 2.36
N GLY A 130 -0.36 -6.22 3.28
CA GLY A 130 -0.93 -5.37 4.32
C GLY A 130 -1.64 -4.15 3.75
N ASP A 131 -1.03 -3.50 2.76
CA ASP A 131 -1.62 -2.31 2.16
C ASP A 131 -2.99 -2.60 1.55
N TYR A 132 -3.09 -3.69 0.78
CA TYR A 132 -4.33 -3.94 0.08
C TYR A 132 -5.42 -4.49 1.00
N TYR A 133 -5.04 -5.23 2.05
CA TYR A 133 -6.02 -5.52 3.10
C TYR A 133 -6.44 -4.24 3.82
N ARG A 134 -5.51 -3.30 4.02
CA ARG A 134 -5.88 -2.02 4.62
C ARG A 134 -6.91 -1.27 3.77
N TYR A 135 -6.72 -1.25 2.45
CA TYR A 135 -7.71 -0.61 1.60
C TYR A 135 -9.05 -1.32 1.67
N LEU A 136 -9.03 -2.65 1.77
CA LEU A 136 -10.29 -3.38 2.01
C LEU A 136 -10.91 -2.97 3.34
N ALA A 137 -10.08 -2.79 4.36
CA ALA A 137 -10.58 -2.41 5.68
C ALA A 137 -11.22 -1.03 5.67
N GLU A 138 -10.72 -0.11 4.83
CA GLU A 138 -11.25 1.25 4.79
C GLU A 138 -12.72 1.25 4.43
N VAL A 139 -13.19 0.25 3.69
CA VAL A 139 -14.57 0.21 3.21
C VAL A 139 -15.38 -0.90 3.86
N ALA A 140 -14.77 -1.70 4.73
CA ALA A 140 -15.44 -2.85 5.33
C ALA A 140 -16.36 -2.39 6.45
N THR A 141 -17.50 -3.07 6.56
CA THR A 141 -18.50 -2.73 7.58
C THR A 141 -19.21 -3.94 8.18
N GLY A 142 -19.06 -5.15 7.62
CA GLY A 142 -19.85 -6.29 8.02
C GLY A 142 -19.13 -7.20 9.00
N ASP A 143 -19.56 -8.48 8.99
CA ASP A 143 -19.04 -9.45 9.96
C ASP A 143 -17.54 -9.65 9.81
N ASP A 144 -17.00 -9.46 8.62
CA ASP A 144 -15.61 -9.81 8.32
C ASP A 144 -14.66 -8.62 8.43
N LYS A 145 -15.14 -7.46 8.89
CA LYS A 145 -14.24 -6.32 9.07
C LYS A 145 -13.10 -6.69 10.01
N LYS A 146 -13.40 -7.38 11.12
CA LYS A 146 -12.36 -7.74 12.07
C LYS A 146 -11.32 -8.66 11.43
N ARG A 147 -11.77 -9.60 10.60
N ARG A 147 -11.76 -9.60 10.61
CA ARG A 147 -10.83 -10.53 9.98
CA ARG A 147 -10.81 -10.53 9.99
C ARG A 147 -9.99 -9.82 8.93
C ARG A 147 -10.00 -9.85 8.89
N ILE A 148 -10.57 -8.86 8.20
CA ILE A 148 -9.80 -8.09 7.23
C ILE A 148 -8.73 -7.29 7.95
N ILE A 149 -9.09 -6.64 9.05
CA ILE A 149 -8.13 -5.88 9.83
C ILE A 149 -7.01 -6.78 10.33
N ASP A 150 -7.36 -7.97 10.82
CA ASP A 150 -6.35 -8.91 11.32
CA ASP A 150 -6.31 -8.84 11.33
C ASP A 150 -5.42 -9.37 10.20
N SER A 151 -5.97 -9.55 8.99
CA SER A 151 -5.15 -9.96 7.87
C SER A 151 -4.13 -8.87 7.51
N ALA A 152 -4.56 -7.62 7.51
CA ALA A 152 -3.61 -6.53 7.28
C ALA A 152 -2.54 -6.50 8.37
N ARG A 153 -2.98 -6.57 9.63
CA ARG A 153 -2.03 -6.55 10.74
CA ARG A 153 -2.03 -6.55 10.75
C ARG A 153 -1.01 -7.68 10.62
N SER A 154 -1.48 -8.89 10.33
CA SER A 154 -0.60 -10.04 10.28
CA SER A 154 -0.59 -10.05 10.28
C SER A 154 0.45 -9.89 9.18
N ALA A 155 0.05 -9.41 8.01
CA ALA A 155 0.99 -9.21 6.92
C ALA A 155 2.02 -8.15 7.27
N TYR A 156 1.56 -7.01 7.77
CA TYR A 156 2.49 -5.96 8.19
C TYR A 156 3.44 -6.47 9.25
N GLN A 157 2.94 -7.27 10.20
CA GLN A 157 3.79 -7.73 11.30
C GLN A 157 4.88 -8.66 10.80
N GLU A 158 4.53 -9.60 9.92
CA GLU A 158 5.55 -10.48 9.35
CA GLU A 158 5.54 -10.48 9.33
C GLU A 158 6.58 -9.67 8.57
N ALA A 159 6.13 -8.68 7.81
CA ALA A 159 7.06 -7.83 7.08
C ALA A 159 7.96 -7.06 8.03
N MET A 160 7.41 -6.53 9.13
N MET A 160 7.40 -6.55 9.12
CA MET A 160 8.21 -5.80 10.10
CA MET A 160 8.18 -5.81 10.10
C MET A 160 9.26 -6.71 10.71
C MET A 160 9.25 -6.69 10.73
N ASP A 161 8.88 -7.93 11.09
CA ASP A 161 9.83 -8.83 11.72
C ASP A 161 11.01 -9.13 10.81
N ILE A 162 10.74 -9.38 9.52
CA ILE A 162 11.82 -9.63 8.58
C ILE A 162 12.66 -8.38 8.38
N SER A 163 12.02 -7.23 8.22
CA SER A 163 12.75 -6.01 7.89
CA SER A 163 12.74 -6.00 7.90
C SER A 163 13.68 -5.61 9.04
N LYS A 164 13.24 -5.78 10.28
CA LYS A 164 14.09 -5.43 11.41
C LYS A 164 15.30 -6.35 11.52
N LYS A 165 15.15 -7.61 11.13
CA LYS A 165 16.25 -8.56 11.21
CA LYS A 165 16.26 -8.56 11.22
C LYS A 165 17.21 -8.46 10.03
N GLU A 166 16.70 -8.10 8.84
CA GLU A 166 17.47 -8.25 7.62
C GLU A 166 17.81 -6.95 6.89
N MET A 167 17.26 -5.80 7.29
CA MET A 167 17.44 -4.55 6.57
CA MET A 167 17.50 -4.58 6.56
C MET A 167 17.92 -3.47 7.52
N PRO A 168 18.71 -2.51 7.03
CA PRO A 168 19.12 -1.40 7.87
C PRO A 168 17.94 -0.47 8.12
N PRO A 169 17.96 0.27 9.23
CA PRO A 169 16.80 1.12 9.57
C PRO A 169 16.53 2.23 8.57
N THR A 170 17.45 2.50 7.65
CA THR A 170 17.26 3.51 6.63
C THR A 170 16.74 2.95 5.31
N ASN A 171 16.57 1.64 5.21
CA ASN A 171 16.14 1.05 3.96
C ASN A 171 14.78 1.63 3.57
N PRO A 172 14.62 2.17 2.35
CA PRO A 172 13.34 2.81 2.01
C PRO A 172 12.14 1.88 2.06
N ILE A 173 12.31 0.59 1.76
CA ILE A 173 11.20 -0.35 1.91
C ILE A 173 10.82 -0.49 3.38
N ARG A 174 11.82 -0.68 4.24
CA ARG A 174 11.57 -0.76 5.67
C ARG A 174 10.88 0.51 6.16
N LEU A 175 11.36 1.68 5.74
CA LEU A 175 10.75 2.93 6.15
C LEU A 175 9.30 3.05 5.68
N GLY A 176 9.04 2.75 4.41
CA GLY A 176 7.68 2.85 3.89
C GLY A 176 6.74 1.85 4.53
N LEU A 177 7.25 0.67 4.85
CA LEU A 177 6.47 -0.32 5.60
C LEU A 177 6.07 0.23 6.96
N ALA A 178 7.04 0.77 7.70
CA ALA A 178 6.72 1.28 9.03
C ALA A 178 5.78 2.46 8.95
N LEU A 179 5.98 3.35 7.98
CA LEU A 179 5.04 4.45 7.75
C LEU A 179 3.62 3.92 7.56
N ASN A 180 3.46 2.92 6.69
CA ASN A 180 2.13 2.42 6.39
C ASN A 180 1.53 1.63 7.54
N PHE A 181 2.35 0.89 8.28
CA PHE A 181 1.85 0.18 9.45
C PHE A 181 1.39 1.18 10.51
N SER A 182 2.10 2.30 10.61
CA SER A 182 1.68 3.34 11.55
CA SER A 182 1.70 3.36 11.54
C SER A 182 0.35 3.97 11.13
N VAL A 183 0.15 4.18 9.83
CA VAL A 183 -1.14 4.67 9.34
C VAL A 183 -2.24 3.65 9.65
N PHE A 184 -1.95 2.37 9.43
CA PHE A 184 -2.88 1.32 9.81
C PHE A 184 -3.28 1.46 11.27
N HIS A 185 -2.30 1.59 12.17
CA HIS A 185 -2.62 1.71 13.59
C HIS A 185 -3.54 2.90 13.85
N TYR A 186 -3.25 4.05 13.22
CA TYR A 186 -3.98 5.27 13.52
C TYR A 186 -5.39 5.25 12.92
N GLU A 187 -5.49 4.87 11.65
CA GLU A 187 -6.72 5.04 10.89
C GLU A 187 -7.62 3.82 10.86
N ILE A 188 -7.07 2.62 11.03
CA ILE A 188 -7.81 1.37 10.91
C ILE A 188 -8.02 0.71 12.28
N ALA A 189 -6.96 0.61 13.06
CA ALA A 189 -6.96 -0.19 14.29
C ALA A 189 -7.32 0.61 15.53
N ASN A 190 -7.64 1.89 15.39
CA ASN A 190 -8.02 2.73 16.53
C ASN A 190 -6.93 2.71 17.61
N SER A 191 -5.67 2.74 17.17
CA SER A 191 -4.51 2.66 18.06
C SER A 191 -3.57 3.84 17.80
N PRO A 192 -4.03 5.07 18.07
CA PRO A 192 -3.19 6.23 17.75
C PRO A 192 -1.87 6.26 18.51
N GLU A 193 -1.85 5.80 19.75
CA GLU A 193 -0.59 5.80 20.49
C GLU A 193 0.42 4.85 19.87
N GLU A 194 -0.03 3.67 19.42
CA GLU A 194 0.87 2.75 18.73
C GLU A 194 1.39 3.36 17.44
N ALA A 195 0.52 4.06 16.70
CA ALA A 195 0.92 4.72 15.47
C ALA A 195 2.01 5.75 15.75
N ILE A 196 1.80 6.57 16.78
CA ILE A 196 2.76 7.62 17.11
C ILE A 196 4.09 7.01 17.56
N SER A 197 4.02 6.00 18.43
CA SER A 197 5.24 5.36 18.91
CA SER A 197 5.23 5.34 18.91
C SER A 197 6.02 4.74 17.76
N LEU A 198 5.33 4.05 16.85
CA LEU A 198 6.04 3.43 15.73
C LEU A 198 6.69 4.48 14.84
N ALA A 199 5.98 5.56 14.52
CA ALA A 199 6.55 6.58 13.66
C ALA A 199 7.77 7.22 14.31
N LYS A 200 7.70 7.51 15.61
N LYS A 200 7.71 7.47 15.62
CA LYS A 200 8.82 8.13 16.30
CA LYS A 200 8.82 8.15 16.28
C LYS A 200 10.04 7.22 16.30
C LYS A 200 10.04 7.24 16.38
N THR A 201 9.86 5.97 16.76
CA THR A 201 11.00 5.05 16.84
CA THR A 201 11.01 5.08 16.84
C THR A 201 11.61 4.80 15.47
N THR A 202 10.76 4.65 14.45
CA THR A 202 11.26 4.45 13.10
C THR A 202 12.11 5.65 12.66
N PHE A 203 11.59 6.86 12.89
CA PHE A 203 12.31 8.06 12.50
C PHE A 203 13.65 8.16 13.22
N ASP A 204 13.64 7.94 14.54
CA ASP A 204 14.86 8.11 15.31
C ASP A 204 15.93 7.08 14.94
N GLU A 205 15.52 5.84 14.69
N GLU A 205 15.52 5.83 14.70
CA GLU A 205 16.50 4.82 14.33
CA GLU A 205 16.49 4.81 14.34
C GLU A 205 17.06 5.04 12.94
C GLU A 205 17.05 5.07 12.95
N ALA A 206 16.25 5.60 12.03
CA ALA A 206 16.77 5.97 10.72
C ALA A 206 17.74 7.14 10.83
N MET A 207 17.38 8.16 11.60
CA MET A 207 18.27 9.31 11.80
CA MET A 207 18.26 9.31 11.83
C MET A 207 19.67 8.86 12.20
N ALA A 208 19.75 7.91 13.13
CA ALA A 208 21.04 7.46 13.65
C ALA A 208 21.85 6.67 12.64
N ASP A 209 21.25 6.23 11.54
CA ASP A 209 21.94 5.42 10.53
C ASP A 209 22.25 6.21 9.26
N LEU A 210 21.78 7.45 9.16
CA LEU A 210 21.99 8.23 7.93
C LEU A 210 23.47 8.41 7.63
N HIS A 211 24.32 8.45 8.66
CA HIS A 211 25.74 8.74 8.44
C HIS A 211 26.42 7.67 7.61
N THR A 212 25.81 6.49 7.48
CA THR A 212 26.40 5.39 6.72
C THR A 212 26.11 5.48 5.22
N LEU A 213 25.27 6.42 4.80
CA LEU A 213 24.69 6.43 3.46
C LEU A 213 25.43 7.36 2.51
N SER A 214 25.40 6.99 1.23
CA SER A 214 25.80 7.89 0.16
C SER A 214 24.79 9.02 0.04
N GLU A 215 25.16 10.04 -0.75
CA GLU A 215 24.26 11.16 -0.95
C GLU A 215 22.94 10.70 -1.55
N ASP A 216 22.99 9.79 -2.54
CA ASP A 216 21.76 9.37 -3.19
C ASP A 216 20.87 8.57 -2.25
N SER A 217 21.45 7.64 -1.49
CA SER A 217 20.66 6.88 -0.52
C SER A 217 20.12 7.79 0.58
N TYR A 218 20.93 8.75 1.01
CA TYR A 218 20.48 9.74 1.98
CA TYR A 218 20.48 9.74 1.99
C TYR A 218 19.22 10.44 1.50
N LYS A 219 19.18 10.84 0.23
CA LYS A 219 17.99 11.50 -0.29
CA LYS A 219 17.99 11.50 -0.31
C LYS A 219 16.79 10.56 -0.26
N ASP A 220 16.99 9.30 -0.66
CA ASP A 220 15.88 8.33 -0.66
C ASP A 220 15.31 8.14 0.74
N SER A 221 16.19 7.98 1.74
CA SER A 221 15.72 7.71 3.10
C SER A 221 15.06 8.93 3.72
N THR A 222 15.67 10.11 3.57
CA THR A 222 15.12 11.30 4.20
C THR A 222 13.75 11.68 3.62
N LEU A 223 13.50 11.33 2.35
CA LEU A 223 12.19 11.63 1.78
C LEU A 223 11.09 10.91 2.56
N ILE A 224 11.31 9.64 2.90
CA ILE A 224 10.31 8.89 3.63
CA ILE A 224 10.29 8.90 3.63
C ILE A 224 10.27 9.32 5.10
N MET A 225 11.44 9.65 5.67
CA MET A 225 11.46 10.14 7.03
C MET A 225 10.63 11.41 7.18
N GLN A 226 10.62 12.26 6.15
CA GLN A 226 9.82 13.47 6.23
C GLN A 226 8.33 13.16 6.29
N LEU A 227 7.90 12.08 5.64
CA LEU A 227 6.50 11.68 5.73
C LEU A 227 6.15 11.20 7.15
N LEU A 228 7.06 10.47 7.79
CA LEU A 228 6.86 10.11 9.19
C LEU A 228 6.72 11.36 10.03
N ARG A 229 7.61 12.34 9.83
N ARG A 229 7.61 12.34 9.83
CA ARG A 229 7.54 13.60 10.56
CA ARG A 229 7.53 13.60 10.57
C ARG A 229 6.23 14.32 10.28
C ARG A 229 6.23 14.32 10.28
N ASP A 230 5.81 14.36 9.01
CA ASP A 230 4.55 15.02 8.66
C ASP A 230 3.38 14.39 9.40
N ASN A 231 3.36 13.06 9.47
CA ASN A 231 2.28 12.39 10.19
C ASN A 231 2.35 12.69 11.68
N LEU A 232 3.54 12.67 12.27
CA LEU A 232 3.66 12.99 13.68
C LEU A 232 3.16 14.40 13.96
N THR A 233 3.43 15.34 13.06
CA THR A 233 2.94 16.71 13.24
C THR A 233 1.42 16.75 13.16
N LEU A 234 0.83 15.93 12.28
CA LEU A 234 -0.62 15.87 12.19
CA LEU A 234 -0.63 15.86 12.19
C LEU A 234 -1.24 15.27 13.43
N TRP A 235 -0.58 14.29 14.04
CA TRP A 235 -1.15 13.48 15.11
C TRP A 235 -0.84 14.01 16.51
N THR A 236 0.06 14.97 16.65
CA THR A 236 0.45 15.47 17.96
C THR A 236 0.38 16.99 18.00
N ALA B 3 -3.59 11.15 6.75
CA ALA B 3 -2.20 10.81 6.96
C ALA B 3 -1.53 10.38 5.67
N HIS B 4 -0.22 10.57 5.58
N HIS B 4 -0.23 10.62 5.57
CA HIS B 4 0.54 10.22 4.39
CA HIS B 4 0.55 10.21 4.41
C HIS B 4 1.01 8.78 4.45
C HIS B 4 0.89 8.74 4.50
N SER B 6 3.09 5.55 2.07
CA SER B 6 4.34 5.50 1.31
C SER B 6 4.09 5.77 -0.16
N PRO B 7 5.00 6.54 -0.80
CA PRO B 7 4.88 6.79 -2.24
C PRO B 7 5.38 5.61 -3.06
#